data_1SYN
#
_entry.id   1SYN
#
_cell.length_a   127.346
_cell.length_b   127.346
_cell.length_c   68.164
_cell.angle_alpha   90.00
_cell.angle_beta   90.00
_cell.angle_gamma   120.00
#
_symmetry.space_group_name_H-M   'P 63'
#
loop_
_entity.id
_entity.type
_entity.pdbx_description
1 polymer 'THYMIDYLATE SYNTHASE'
2 non-polymer "2'-DEOXYURIDINE 5'-MONOPHOSPHATE"
3 non-polymer 'S)-2-(5(((1,2-DIHYDRO-3-METHYL-1-OXOBENZO(F)QUINAZOLIN-9-YL)METHYL)AMINO)1-OXO-2-ISOINDOLINYL)GLUTARIC ACID'
4 water water
#
_entity_poly.entity_id   1
_entity_poly.type   'polypeptide(L)'
_entity_poly.pdbx_seq_one_letter_code
;(FMT)MKQYLELMQKVLDEGTQKNDRTGTGTLSIFGHQMRFNLQDGFPLVTTKRCHLRSIIHELLWFLQGDTNIAYLHEN
NVTIWDEWADENGDLGPVYGKQWRAWPTPDGRHIDQITTVLNQLKNDPDSRRIIVSAWNVGELDKMALAPCHAFFQFYVA
DGKLSCQLYQRSCDVFLGLPFNIASYALLVHMMAQQCDLEVGDFVWTGGDTHLYSNHMDQTHLQLSREPRPLPKLIIKRK
PESIFDYRFEDFEIEGYDPHPGIKAPVAI
;
_entity_poly.pdbx_strand_id   A,B
#
loop_
_chem_comp.id
_chem_comp.type
_chem_comp.name
_chem_comp.formula
F89 non-polymer 'S)-2-(5(((1,2-DIHYDRO-3-METHYL-1-OXOBENZO(F)QUINAZOLIN-9-YL)METHYL)AMINO)1-OXO-2-ISOINDOLINYL)GLUTARIC ACID' 'C27 H24 N4 O6'
FMT non-polymer 'FORMIC ACID' 'C H2 O2'
UMP non-polymer '2'-DEOXYURIDINE 5'-MONOPHOSPHATE' 'C9 H13 N2 O8 P'
#
# COMPACT_ATOMS: atom_id res chain seq x y z
C FMT A 1 11.03 -11.02 19.06
O1 FMT A 1 10.39 -11.90 19.62
O2 FMT A 1 10.86 -9.84 19.34
N MET A 2 11.34 -10.70 17.81
CA MET A 2 11.03 -11.59 16.67
C MET A 2 12.05 -11.54 15.55
N LYS A 3 12.34 -12.64 14.86
CA LYS A 3 13.31 -12.70 13.76
C LYS A 3 13.16 -11.61 12.70
N GLN A 4 11.93 -11.41 12.25
CA GLN A 4 11.55 -10.44 11.23
C GLN A 4 11.73 -8.99 11.64
N TYR A 5 11.34 -8.72 12.89
CA TYR A 5 11.46 -7.42 13.53
C TYR A 5 12.94 -7.06 13.75
N LEU A 6 13.72 -7.91 14.42
CA LEU A 6 15.15 -7.67 14.60
C LEU A 6 15.88 -7.52 13.28
N GLU A 7 15.55 -8.32 12.27
CA GLU A 7 16.12 -8.10 10.93
C GLU A 7 15.70 -6.79 10.28
N LEU A 8 14.48 -6.22 10.38
CA LEU A 8 14.22 -4.84 9.91
C LEU A 8 15.09 -3.84 10.69
N MET A 9 15.27 -3.97 12.00
CA MET A 9 16.12 -3.04 12.76
C MET A 9 17.57 -3.05 12.26
N GLN A 10 18.14 -4.24 12.04
CA GLN A 10 19.48 -4.37 11.48
C GLN A 10 19.58 -3.79 10.07
N LYS A 11 18.54 -3.93 9.24
CA LYS A 11 18.51 -3.32 7.90
C LYS A 11 18.42 -1.80 7.93
N VAL A 12 17.60 -1.15 8.77
CA VAL A 12 17.63 0.30 8.83
C VAL A 12 18.97 0.78 9.40
N LEU A 13 19.60 0.07 10.32
CA LEU A 13 20.92 0.50 10.78
C LEU A 13 22.00 0.38 9.70
N ASP A 14 21.98 -0.70 8.92
CA ASP A 14 22.98 -0.87 7.87
C ASP A 14 22.70 -0.18 6.53
N GLU A 15 21.46 0.15 6.23
CA GLU A 15 21.10 0.80 4.96
C GLU A 15 20.38 2.14 5.09
N GLY A 16 19.97 2.51 6.30
CA GLY A 16 19.23 3.75 6.53
C GLY A 16 20.01 5.03 6.26
N THR A 17 19.44 6.00 5.55
CA THR A 17 20.15 7.28 5.35
C THR A 17 19.63 8.28 6.38
N GLN A 18 20.47 9.20 6.86
CA GLN A 18 20.00 10.19 7.82
C GLN A 18 19.05 11.22 7.27
N LYS A 19 17.83 11.21 7.79
CA LYS A 19 16.83 12.18 7.37
C LYS A 19 16.37 13.11 8.48
N ASN A 20 15.83 14.26 8.08
CA ASN A 20 15.19 15.15 9.02
C ASN A 20 13.68 14.90 9.00
N ASP A 21 12.95 15.24 10.06
CA ASP A 21 11.50 15.03 10.07
C ASP A 21 10.73 16.13 10.78
N ARG A 22 9.43 16.28 10.51
CA ARG A 22 8.62 17.32 11.14
C ARG A 22 8.70 17.53 12.65
N THR A 23 8.99 16.51 13.46
CA THR A 23 9.12 16.64 14.93
C THR A 23 10.50 17.15 15.41
N GLY A 24 11.37 17.63 14.51
CA GLY A 24 12.72 18.09 14.84
C GLY A 24 13.77 17.03 15.19
N THR A 25 13.39 15.89 15.78
CA THR A 25 14.28 14.82 16.30
C THR A 25 15.35 14.11 15.45
N GLY A 26 15.28 14.05 14.12
CA GLY A 26 16.28 13.33 13.32
C GLY A 26 16.05 11.83 13.26
N THR A 27 16.23 11.22 12.09
CA THR A 27 16.01 9.78 11.95
C THR A 27 17.01 9.04 11.07
N LEU A 28 17.14 7.74 11.24
CA LEU A 28 17.76 6.90 10.23
C LEU A 28 16.64 6.27 9.39
N SER A 29 16.74 6.36 8.07
CA SER A 29 15.62 5.99 7.23
C SER A 29 15.80 5.16 5.96
N ILE A 30 14.96 4.14 5.85
CA ILE A 30 14.83 3.40 4.60
C ILE A 30 13.41 3.58 4.07
N PHE A 31 13.21 3.34 2.78
CA PHE A 31 11.89 3.35 2.15
C PHE A 31 11.66 2.03 1.42
N GLY A 32 10.54 1.39 1.65
CA GLY A 32 10.27 0.16 0.94
C GLY A 32 10.76 -0.99 1.79
N HIS A 33 9.83 -1.65 2.48
CA HIS A 33 10.13 -2.91 3.16
C HIS A 33 8.90 -3.79 3.29
N GLN A 34 9.03 -5.11 3.20
CA GLN A 34 7.93 -6.02 3.41
C GLN A 34 8.41 -7.24 4.17
N MET A 35 7.56 -7.66 5.07
CA MET A 35 7.77 -8.85 5.88
C MET A 35 6.46 -9.58 6.16
N ARG A 36 6.55 -10.87 6.39
CA ARG A 36 5.39 -11.72 6.56
C ARG A 36 5.45 -12.56 7.83
N PHE A 37 4.27 -12.71 8.40
CA PHE A 37 4.07 -13.50 9.59
C PHE A 37 2.95 -14.52 9.39
N ASN A 38 3.25 -15.81 9.36
CA ASN A 38 2.25 -16.85 9.35
C ASN A 38 1.64 -16.98 10.75
N LEU A 39 0.44 -16.45 10.92
CA LEU A 39 -0.22 -16.44 12.23
C LEU A 39 -0.51 -17.79 12.87
N GLN A 40 -0.37 -18.91 12.17
CA GLN A 40 -0.45 -20.18 12.87
C GLN A 40 0.84 -20.56 13.61
N ASP A 41 1.97 -19.90 13.38
CA ASP A 41 3.18 -20.17 14.14
C ASP A 41 3.19 -19.66 15.59
N GLY A 42 2.47 -18.57 15.80
CA GLY A 42 2.30 -17.97 17.11
C GLY A 42 1.75 -16.54 16.99
N PHE A 43 1.31 -15.93 18.10
CA PHE A 43 0.86 -14.56 18.01
C PHE A 43 2.05 -13.61 17.96
N PRO A 44 2.16 -12.74 16.94
CA PRO A 44 3.33 -11.90 16.70
C PRO A 44 3.57 -10.68 17.61
N LEU A 45 3.75 -10.95 18.89
CA LEU A 45 4.03 -9.92 19.89
C LEU A 45 5.48 -9.99 20.36
N VAL A 46 6.25 -8.89 20.24
CA VAL A 46 7.67 -8.90 20.60
C VAL A 46 8.10 -9.49 21.93
N THR A 47 9.01 -10.45 21.88
CA THR A 47 9.51 -11.08 23.10
C THR A 47 10.88 -10.50 23.54
N THR A 48 11.58 -9.75 22.68
CA THR A 48 12.85 -9.14 23.09
C THR A 48 12.78 -7.88 23.94
N LYS A 49 11.59 -7.33 24.11
CA LYS A 49 11.31 -6.28 25.08
C LYS A 49 9.84 -6.46 25.49
N ARG A 50 9.40 -6.17 26.71
CA ARG A 50 8.01 -6.38 27.09
C ARG A 50 6.95 -5.44 26.54
N CYS A 51 5.96 -5.98 25.83
CA CYS A 51 4.86 -5.12 25.39
C CYS A 51 3.59 -5.32 26.18
N HIS A 52 2.68 -4.36 26.18
CA HIS A 52 1.45 -4.55 26.95
C HIS A 52 0.13 -4.76 26.21
N LEU A 53 -0.34 -5.99 26.00
CA LEU A 53 -1.62 -6.29 25.33
C LEU A 53 -2.84 -5.39 25.54
N ARG A 54 -3.09 -5.06 26.81
CA ARG A 54 -4.22 -4.23 27.24
C ARG A 54 -4.45 -2.99 26.35
N SER A 55 -3.35 -2.38 25.97
CA SER A 55 -3.34 -1.17 25.16
C SER A 55 -3.62 -1.40 23.69
N ILE A 56 -3.09 -2.50 23.16
CA ILE A 56 -3.28 -2.91 21.76
C ILE A 56 -4.76 -3.24 21.50
N ILE A 57 -5.31 -4.06 22.41
CA ILE A 57 -6.73 -4.43 22.44
C ILE A 57 -7.63 -3.20 22.56
N HIS A 58 -7.52 -2.35 23.61
CA HIS A 58 -8.37 -1.14 23.74
C HIS A 58 -8.37 -0.15 22.58
N GLU A 59 -7.23 0.13 21.99
CA GLU A 59 -7.16 0.93 20.76
C GLU A 59 -7.90 0.20 19.61
N LEU A 60 -7.74 -1.12 19.42
CA LEU A 60 -8.52 -1.87 18.41
C LEU A 60 -10.03 -1.82 18.67
N LEU A 61 -10.54 -2.04 19.89
CA LEU A 61 -11.97 -1.90 20.18
C LEU A 61 -12.51 -0.50 19.89
N TRP A 62 -11.69 0.50 20.24
CA TRP A 62 -11.91 1.92 19.95
C TRP A 62 -12.01 2.24 18.47
N PHE A 63 -11.16 1.65 17.63
CA PHE A 63 -11.26 1.83 16.18
C PHE A 63 -12.59 1.25 15.64
N LEU A 64 -12.89 -0.01 16.02
CA LEU A 64 -14.11 -0.71 15.62
C LEU A 64 -15.43 -0.06 16.06
N GLN A 65 -15.52 0.73 17.12
CA GLN A 65 -16.77 1.44 17.43
C GLN A 65 -16.98 2.71 16.60
N GLY A 66 -15.97 3.17 15.85
CA GLY A 66 -16.04 4.42 15.12
C GLY A 66 -15.65 5.61 15.98
N ASP A 67 -14.90 5.35 17.07
CA ASP A 67 -14.60 6.43 18.01
C ASP A 67 -13.31 7.21 17.72
N THR A 68 -13.37 8.52 17.86
CA THR A 68 -12.17 9.36 17.67
C THR A 68 -11.89 10.29 18.84
N ASN A 69 -12.62 10.14 19.94
CA ASN A 69 -12.38 10.88 21.17
C ASN A 69 -11.60 9.97 22.13
N ILE A 70 -10.71 10.54 22.94
CA ILE A 70 -9.85 9.76 23.84
C ILE A 70 -10.41 9.26 25.16
N ALA A 71 -11.56 9.75 25.61
CA ALA A 71 -12.16 9.31 26.86
C ALA A 71 -12.33 7.80 27.03
N TYR A 72 -12.78 7.04 26.02
CA TYR A 72 -12.80 5.57 26.08
C TYR A 72 -11.43 5.00 26.50
N LEU A 73 -10.39 5.50 25.82
CA LEU A 73 -9.03 5.08 26.05
C LEU A 73 -8.52 5.42 27.45
N HIS A 74 -8.88 6.61 27.94
CA HIS A 74 -8.60 7.00 29.32
C HIS A 74 -9.19 6.06 30.35
N GLU A 75 -10.51 5.80 30.24
CA GLU A 75 -11.23 4.82 31.05
C GLU A 75 -10.49 3.47 31.19
N ASN A 76 -9.71 3.13 30.16
CA ASN A 76 -8.88 1.94 30.18
C ASN A 76 -7.37 2.17 30.06
N ASN A 77 -6.94 3.22 30.76
CA ASN A 77 -5.54 3.62 30.92
C ASN A 77 -4.58 3.74 29.71
N VAL A 78 -5.15 3.99 28.53
CA VAL A 78 -4.34 4.25 27.32
C VAL A 78 -4.07 5.76 27.15
N THR A 79 -2.80 6.14 27.18
CA THR A 79 -2.37 7.54 27.11
C THR A 79 -1.70 8.08 25.84
N ILE A 80 -1.16 7.22 24.95
CA ILE A 80 -0.48 7.65 23.72
C ILE A 80 -1.15 8.67 22.78
N TRP A 81 -2.49 8.71 22.77
CA TRP A 81 -3.18 9.70 21.96
C TRP A 81 -3.35 11.10 22.54
N ASP A 82 -2.99 11.28 23.81
CA ASP A 82 -3.19 12.56 24.48
C ASP A 82 -2.51 13.83 23.97
N GLU A 83 -1.30 13.83 23.40
CA GLU A 83 -0.73 15.08 22.87
C GLU A 83 -1.43 15.65 21.64
N TRP A 84 -2.13 14.79 20.91
CA TRP A 84 -2.81 15.15 19.66
C TRP A 84 -4.27 15.54 19.83
N ALA A 85 -4.79 15.28 21.03
CA ALA A 85 -6.18 15.58 21.33
C ALA A 85 -6.43 17.04 21.66
N ASP A 86 -7.48 17.64 21.11
CA ASP A 86 -7.81 19.00 21.49
C ASP A 86 -8.35 19.06 22.93
N GLU A 87 -8.90 20.19 23.36
CA GLU A 87 -9.46 20.39 24.71
C GLU A 87 -10.61 19.43 25.04
N ASN A 88 -11.44 19.15 24.04
CA ASN A 88 -12.49 18.13 24.18
C ASN A 88 -12.06 16.67 23.99
N GLY A 89 -10.77 16.34 23.91
CA GLY A 89 -10.33 14.95 23.71
C GLY A 89 -10.47 14.43 22.28
N ASP A 90 -10.82 15.27 21.32
CA ASP A 90 -10.97 14.86 19.92
C ASP A 90 -9.71 14.91 19.09
N LEU A 91 -9.61 13.85 18.32
CA LEU A 91 -8.56 13.70 17.34
C LEU A 91 -9.04 14.02 15.93
N GLY A 92 -10.30 14.33 15.73
CA GLY A 92 -10.82 14.65 14.39
C GLY A 92 -11.16 13.39 13.58
N PRO A 93 -11.46 13.41 12.29
CA PRO A 93 -11.88 12.25 11.51
C PRO A 93 -10.82 11.15 11.34
N VAL A 94 -10.15 10.62 12.39
CA VAL A 94 -9.11 9.59 12.19
C VAL A 94 -9.64 8.17 12.05
N TYR A 95 -8.77 7.15 12.07
CA TYR A 95 -9.09 5.73 11.89
C TYR A 95 -10.50 5.21 12.16
N GLY A 96 -10.96 5.24 13.41
CA GLY A 96 -12.30 4.82 13.79
C GLY A 96 -13.37 5.43 12.91
N LYS A 97 -13.28 6.72 12.63
CA LYS A 97 -14.24 7.38 11.74
C LYS A 97 -14.17 6.89 10.27
N GLN A 98 -12.98 6.77 9.69
CA GLN A 98 -12.83 6.33 8.31
C GLN A 98 -13.27 4.89 8.10
N TRP A 99 -12.92 4.04 9.06
CA TRP A 99 -13.31 2.64 9.09
C TRP A 99 -14.79 2.39 8.98
N ARG A 100 -15.53 3.09 9.84
CA ARG A 100 -16.98 2.90 10.03
C ARG A 100 -17.92 3.84 9.30
N ALA A 101 -17.43 4.99 8.95
CA ALA A 101 -18.22 6.02 8.32
C ALA A 101 -17.47 6.97 7.38
N TRP A 102 -16.71 6.45 6.41
CA TRP A 102 -16.10 7.27 5.34
C TRP A 102 -17.18 8.17 4.72
N PRO A 103 -17.10 9.50 4.76
CA PRO A 103 -18.02 10.40 4.06
C PRO A 103 -17.93 10.58 2.54
N THR A 104 -19.02 10.25 1.83
CA THR A 104 -19.06 10.36 0.37
C THR A 104 -19.51 11.75 -0.10
N PRO A 105 -19.30 12.23 -1.34
CA PRO A 105 -19.77 13.56 -1.77
C PRO A 105 -21.27 13.81 -1.65
N ASP A 106 -22.08 12.79 -1.92
CA ASP A 106 -23.52 12.93 -1.84
C ASP A 106 -24.23 12.47 -0.55
N GLY A 107 -23.88 12.99 0.62
CA GLY A 107 -24.59 12.66 1.87
C GLY A 107 -24.22 11.35 2.57
N ARG A 108 -24.17 10.24 1.85
CA ARG A 108 -23.78 8.93 2.37
C ARG A 108 -22.55 8.72 3.27
N HIS A 109 -22.51 7.57 3.92
CA HIS A 109 -21.41 7.12 4.76
C HIS A 109 -21.23 5.64 4.56
N ILE A 110 -20.03 5.22 4.20
CA ILE A 110 -19.78 3.80 4.01
C ILE A 110 -19.10 3.11 5.18
N ASP A 111 -19.73 2.08 5.72
CA ASP A 111 -19.06 1.32 6.76
C ASP A 111 -18.17 0.27 6.09
N GLN A 112 -16.89 0.60 6.01
CA GLN A 112 -15.88 -0.29 5.44
C GLN A 112 -15.66 -1.59 6.18
N ILE A 113 -15.86 -1.66 7.50
CA ILE A 113 -15.73 -2.95 8.20
C ILE A 113 -16.88 -3.88 7.83
N THR A 114 -18.13 -3.43 7.71
CA THR A 114 -19.19 -4.43 7.48
C THR A 114 -19.27 -4.89 6.04
N THR A 115 -18.87 -3.98 5.14
CA THR A 115 -18.62 -4.30 3.73
C THR A 115 -17.61 -5.44 3.62
N VAL A 116 -16.43 -5.32 4.22
CA VAL A 116 -15.41 -6.35 4.22
C VAL A 116 -15.94 -7.68 4.78
N LEU A 117 -16.66 -7.69 5.91
CA LEU A 117 -17.28 -8.93 6.38
C LEU A 117 -18.30 -9.52 5.39
N ASN A 118 -19.06 -8.70 4.65
CA ASN A 118 -19.94 -9.22 3.60
C ASN A 118 -19.22 -9.67 2.33
N GLN A 119 -18.02 -9.15 2.03
CA GLN A 119 -17.18 -9.64 0.92
C GLN A 119 -16.61 -11.00 1.33
N LEU A 120 -15.96 -11.14 2.48
CA LEU A 120 -15.45 -12.44 2.90
C LEU A 120 -16.50 -13.56 2.95
N LYS A 121 -17.75 -13.17 3.18
CA LYS A 121 -18.87 -14.12 3.21
C LYS A 121 -19.42 -14.49 1.84
N ASN A 122 -19.89 -13.53 1.04
CA ASN A 122 -20.47 -13.80 -0.28
C ASN A 122 -19.53 -13.90 -1.49
N ASP A 123 -18.38 -13.28 -1.31
CA ASP A 123 -17.34 -13.21 -2.34
C ASP A 123 -15.84 -13.18 -1.88
N PRO A 124 -15.35 -14.17 -1.12
CA PRO A 124 -13.97 -14.23 -0.64
C PRO A 124 -12.86 -14.19 -1.70
N ASP A 125 -13.19 -14.45 -2.98
CA ASP A 125 -12.20 -14.36 -4.07
C ASP A 125 -12.07 -12.98 -4.67
N SER A 126 -12.76 -11.99 -4.11
CA SER A 126 -12.62 -10.62 -4.59
C SER A 126 -11.24 -10.04 -4.29
N ARG A 127 -10.78 -9.28 -5.28
CA ARG A 127 -9.53 -8.53 -5.24
C ARG A 127 -9.76 -7.07 -4.75
N ARG A 128 -10.97 -6.77 -4.28
CA ARG A 128 -11.35 -5.46 -3.79
C ARG A 128 -11.69 -5.47 -2.30
N ILE A 129 -11.18 -6.42 -1.53
CA ILE A 129 -11.52 -6.45 -0.10
C ILE A 129 -10.49 -5.64 0.68
N ILE A 130 -10.76 -4.33 0.52
CA ILE A 130 -9.94 -3.23 1.03
C ILE A 130 -10.57 -2.34 2.08
N VAL A 131 -9.75 -1.89 3.01
CA VAL A 131 -10.16 -0.86 3.92
C VAL A 131 -9.08 0.22 3.90
N SER A 132 -9.57 1.41 3.63
CA SER A 132 -8.72 2.60 3.58
C SER A 132 -9.10 3.68 4.59
N ALA A 133 -8.09 4.14 5.28
CA ALA A 133 -8.16 5.33 6.14
C ALA A 133 -7.68 6.61 5.47
N TRP A 134 -6.96 6.57 4.34
CA TRP A 134 -6.42 7.76 3.68
C TRP A 134 -7.50 8.59 2.96
N ASN A 135 -8.36 9.28 3.70
CA ASN A 135 -9.42 10.08 3.08
C ASN A 135 -8.84 11.44 2.75
N VAL A 136 -8.21 11.61 1.59
CA VAL A 136 -7.60 12.90 1.19
C VAL A 136 -8.44 14.14 1.58
N GLY A 137 -9.75 14.06 1.34
CA GLY A 137 -10.63 15.15 1.71
C GLY A 137 -10.72 15.57 3.16
N GLU A 138 -10.62 14.66 4.13
CA GLU A 138 -10.68 15.05 5.54
C GLU A 138 -9.32 15.10 6.24
N LEU A 139 -8.21 14.92 5.51
CA LEU A 139 -6.87 14.92 6.12
C LEU A 139 -6.49 16.20 6.83
N ASP A 140 -7.01 17.34 6.34
CA ASP A 140 -6.83 18.64 7.00
C ASP A 140 -7.55 18.74 8.34
N LYS A 141 -8.55 17.90 8.55
CA LYS A 141 -9.26 17.88 9.81
C LYS A 141 -8.70 16.87 10.82
N MET A 142 -7.76 15.98 10.48
CA MET A 142 -7.27 14.95 11.39
C MET A 142 -6.12 15.39 12.27
N ALA A 143 -6.06 14.99 13.55
CA ALA A 143 -4.96 15.31 14.46
C ALA A 143 -3.60 14.76 14.02
N LEU A 144 -3.65 13.63 13.35
CA LEU A 144 -2.47 12.99 12.78
C LEU A 144 -2.92 12.35 11.45
N ALA A 145 -2.28 12.59 10.30
CA ALA A 145 -2.65 11.86 9.07
C ALA A 145 -2.27 10.39 9.27
N PRO A 146 -3.06 9.41 8.83
CA PRO A 146 -2.87 8.01 9.20
C PRO A 146 -1.56 7.31 8.84
N CYS A 147 -0.86 6.67 9.77
CA CYS A 147 0.35 5.92 9.41
C CYS A 147 0.05 4.57 8.77
N HIS A 148 -0.78 3.81 9.45
CA HIS A 148 -1.29 2.54 8.95
C HIS A 148 -2.59 2.88 8.21
N ALA A 149 -2.37 3.25 6.96
CA ALA A 149 -3.40 3.86 6.12
C ALA A 149 -4.31 3.02 5.27
N PHE A 150 -3.91 1.79 5.02
CA PHE A 150 -4.55 1.00 3.99
C PHE A 150 -4.28 -0.48 4.20
N PHE A 151 -5.28 -1.34 4.10
CA PHE A 151 -5.07 -2.76 4.16
C PHE A 151 -6.02 -3.61 3.29
N GLN A 152 -5.55 -4.78 2.92
CA GLN A 152 -6.26 -5.65 2.01
C GLN A 152 -6.25 -7.11 2.48
N PHE A 153 -7.44 -7.69 2.52
CA PHE A 153 -7.63 -9.08 2.89
C PHE A 153 -7.76 -9.96 1.65
N TYR A 154 -7.29 -11.17 1.81
CA TYR A 154 -7.34 -12.16 0.76
C TYR A 154 -7.61 -13.52 1.38
N VAL A 155 -8.42 -14.33 0.72
CA VAL A 155 -8.71 -15.69 1.22
C VAL A 155 -8.06 -16.76 0.33
N ALA A 156 -7.44 -17.79 0.93
CA ALA A 156 -6.84 -18.89 0.18
C ALA A 156 -7.36 -20.29 0.57
N ASP A 157 -6.63 -21.22 1.16
CA ASP A 157 -7.22 -22.50 1.50
C ASP A 157 -7.92 -22.48 2.85
N GLY A 158 -9.08 -21.81 2.76
CA GLY A 158 -9.95 -21.54 3.90
C GLY A 158 -9.25 -20.83 5.03
N LYS A 159 -8.33 -19.96 4.59
CA LYS A 159 -7.40 -19.19 5.41
C LYS A 159 -7.38 -17.70 5.05
N LEU A 160 -7.63 -16.87 6.06
CA LEU A 160 -7.60 -15.42 5.96
C LEU A 160 -6.27 -14.74 6.19
N SER A 161 -5.85 -14.05 5.15
CA SER A 161 -4.63 -13.26 5.13
C SER A 161 -4.90 -11.76 5.08
N CYS A 162 -3.96 -10.99 5.55
CA CYS A 162 -4.10 -9.55 5.51
C CYS A 162 -2.81 -8.87 5.14
N GLN A 163 -2.84 -7.84 4.33
CA GLN A 163 -1.66 -7.05 4.02
C GLN A 163 -1.90 -5.59 4.38
N LEU A 164 -1.01 -4.98 5.18
CA LEU A 164 -1.12 -3.56 5.50
C LEU A 164 -0.07 -2.66 4.82
N TYR A 165 -0.51 -1.59 4.20
CA TYR A 165 0.42 -0.57 3.74
C TYR A 165 0.53 0.49 4.83
N GLN A 166 1.68 0.57 5.50
CA GLN A 166 1.94 1.60 6.49
C GLN A 166 2.82 2.69 5.89
N ARG A 167 2.34 3.89 5.66
CA ARG A 167 3.14 4.93 5.02
C ARG A 167 4.36 5.44 5.82
N SER A 168 4.19 5.56 7.13
CA SER A 168 5.26 5.93 8.03
C SER A 168 5.37 5.01 9.24
N CYS A 169 6.58 4.58 9.56
CA CYS A 169 6.79 3.66 10.68
C CYS A 169 7.97 3.88 11.60
N ASP A 170 7.64 4.18 12.85
CA ASP A 170 8.58 4.29 13.96
C ASP A 170 8.91 2.87 14.41
N VAL A 171 9.95 2.26 13.86
CA VAL A 171 10.32 0.85 14.11
C VAL A 171 10.35 0.43 15.57
N PHE A 172 11.04 1.23 16.37
CA PHE A 172 11.19 0.91 17.80
C PHE A 172 9.93 1.05 18.68
N LEU A 173 9.17 2.09 18.51
CA LEU A 173 8.03 2.39 19.38
C LEU A 173 6.65 2.04 18.85
N GLY A 174 6.33 2.39 17.61
CA GLY A 174 5.02 2.16 17.06
C GLY A 174 4.76 0.75 16.56
N LEU A 175 5.74 0.23 15.79
CA LEU A 175 5.61 -1.06 15.15
C LEU A 175 5.33 -2.28 16.05
N PRO A 176 5.84 -2.54 17.28
CA PRO A 176 5.35 -3.63 18.12
C PRO A 176 3.84 -3.64 18.30
N PHE A 177 3.26 -2.45 18.44
CA PHE A 177 1.84 -2.29 18.64
C PHE A 177 1.07 -2.36 17.32
N ASN A 178 1.58 -1.81 16.21
CA ASN A 178 0.84 -1.88 14.93
C ASN A 178 0.73 -3.27 14.36
N ILE A 179 1.73 -4.14 14.49
CA ILE A 179 1.55 -5.49 13.98
C ILE A 179 0.66 -6.34 14.91
N ALA A 180 0.75 -6.20 16.24
CA ALA A 180 -0.12 -6.94 17.16
C ALA A 180 -1.57 -6.53 16.93
N SER A 181 -1.83 -5.24 16.74
CA SER A 181 -3.16 -4.71 16.42
C SER A 181 -3.79 -5.36 15.18
N TYR A 182 -3.06 -5.34 14.06
CA TYR A 182 -3.55 -5.98 12.86
C TYR A 182 -3.66 -7.50 12.91
N ALA A 183 -2.70 -8.21 13.51
CA ALA A 183 -2.85 -9.66 13.72
C ALA A 183 -4.05 -9.99 14.62
N LEU A 184 -4.41 -9.11 15.55
CA LEU A 184 -5.58 -9.36 16.38
C LEU A 184 -6.85 -9.22 15.54
N LEU A 185 -6.93 -8.20 14.66
CA LEU A 185 -8.07 -8.04 13.77
C LEU A 185 -8.25 -9.23 12.79
N VAL A 186 -7.16 -9.91 12.43
CA VAL A 186 -7.26 -11.09 11.55
C VAL A 186 -7.79 -12.32 12.29
N HIS A 187 -7.60 -12.48 13.60
CA HIS A 187 -8.22 -13.58 14.36
C HIS A 187 -9.71 -13.29 14.64
N MET A 188 -10.02 -12.00 14.87
CA MET A 188 -11.38 -11.55 15.04
C MET A 188 -12.15 -11.75 13.73
N MET A 189 -11.73 -11.25 12.54
CA MET A 189 -12.44 -11.51 11.28
C MET A 189 -12.48 -12.97 10.84
N ALA A 190 -11.42 -13.75 11.04
CA ALA A 190 -11.44 -15.21 10.82
C ALA A 190 -12.44 -15.94 11.71
N GLN A 191 -12.47 -15.70 13.02
CA GLN A 191 -13.49 -16.28 13.87
C GLN A 191 -14.92 -15.97 13.39
N GLN A 192 -15.21 -14.72 13.05
CA GLN A 192 -16.51 -14.33 12.53
C GLN A 192 -16.91 -15.01 11.21
N CYS A 193 -15.92 -15.29 10.37
CA CYS A 193 -16.17 -15.95 9.10
C CYS A 193 -15.90 -17.45 9.07
N ASP A 194 -15.68 -18.10 10.19
CA ASP A 194 -15.30 -19.51 10.23
C ASP A 194 -14.18 -19.91 9.25
N LEU A 195 -13.25 -18.95 9.13
CA LEU A 195 -12.02 -19.11 8.37
C LEU A 195 -10.84 -19.32 9.32
N GLU A 196 -9.78 -19.97 8.88
CA GLU A 196 -8.54 -20.13 9.62
C GLU A 196 -7.58 -18.97 9.42
N VAL A 197 -6.60 -18.73 10.30
CA VAL A 197 -5.68 -17.62 10.10
C VAL A 197 -4.51 -17.90 9.13
N GLY A 198 -4.35 -17.04 8.16
CA GLY A 198 -3.28 -17.12 7.18
C GLY A 198 -2.05 -16.33 7.58
N ASP A 199 -1.70 -15.39 6.73
CA ASP A 199 -0.53 -14.53 6.88
C ASP A 199 -0.88 -13.08 7.14
N PHE A 200 -0.12 -12.40 8.00
CA PHE A 200 -0.21 -10.95 8.07
C PHE A 200 1.12 -10.42 7.49
N VAL A 201 0.94 -9.77 6.35
CA VAL A 201 2.01 -9.18 5.54
C VAL A 201 2.15 -7.69 5.86
N TRP A 202 3.27 -7.25 6.44
CA TRP A 202 3.48 -5.82 6.67
C TRP A 202 4.32 -5.16 5.57
N THR A 203 3.84 -4.06 4.98
CA THR A 203 4.68 -3.28 4.04
C THR A 203 4.84 -1.83 4.53
N GLY A 204 6.05 -1.26 4.50
CA GLY A 204 6.29 0.10 4.98
C GLY A 204 6.81 1.09 3.94
N GLY A 205 6.44 2.36 4.05
CA GLY A 205 6.96 3.39 3.17
C GLY A 205 8.23 3.93 3.83
N ASP A 206 8.11 5.03 4.55
CA ASP A 206 9.25 5.54 5.29
C ASP A 206 9.37 4.75 6.59
N THR A 207 10.29 3.79 6.57
CA THR A 207 10.55 2.94 7.73
C THR A 207 11.82 3.42 8.42
N HIS A 208 11.64 3.83 9.69
CA HIS A 208 12.67 4.53 10.44
C HIS A 208 12.86 4.28 11.93
N LEU A 209 14.05 4.66 12.32
CA LEU A 209 14.50 4.64 13.71
C LEU A 209 14.84 6.08 14.08
N TYR A 210 14.33 6.69 15.14
CA TYR A 210 14.69 8.05 15.55
C TYR A 210 16.09 8.10 16.19
N SER A 211 16.78 9.22 16.10
CA SER A 211 18.14 9.34 16.62
C SER A 211 18.37 9.09 18.11
N ASN A 212 17.35 9.36 18.91
CA ASN A 212 17.43 9.07 20.34
C ASN A 212 16.87 7.69 20.70
N HIS A 213 16.89 6.75 19.76
CA HIS A 213 16.51 5.36 20.02
C HIS A 213 17.66 4.40 19.81
N MET A 214 18.79 4.88 19.28
CA MET A 214 19.94 4.06 18.91
C MET A 214 20.60 3.25 20.04
N ASP A 215 20.72 3.73 21.29
CA ASP A 215 21.20 2.87 22.38
C ASP A 215 20.20 1.72 22.63
N GLN A 216 18.92 2.10 22.77
CA GLN A 216 17.80 1.18 22.98
C GLN A 216 17.76 0.06 21.96
N THR A 217 17.77 0.43 20.69
CA THR A 217 17.86 -0.47 19.55
C THR A 217 19.03 -1.45 19.66
N HIS A 218 20.23 -1.01 20.03
CA HIS A 218 21.37 -1.92 20.13
C HIS A 218 21.34 -2.82 21.33
N LEU A 219 20.51 -2.45 22.31
CA LEU A 219 20.31 -3.27 23.49
C LEU A 219 19.31 -4.38 23.18
N GLN A 220 18.14 -4.02 22.64
CA GLN A 220 17.16 -5.03 22.22
C GLN A 220 17.68 -6.09 21.25
N LEU A 221 18.46 -5.63 20.29
CA LEU A 221 19.04 -6.47 19.26
C LEU A 221 20.10 -7.46 19.79
N SER A 222 20.56 -7.27 21.04
CA SER A 222 21.54 -8.17 21.65
C SER A 222 20.86 -9.23 22.52
N ARG A 223 19.54 -9.30 22.37
CA ARG A 223 18.69 -10.25 23.06
C ARG A 223 18.23 -11.25 22.01
N GLU A 224 18.35 -12.55 22.24
CA GLU A 224 17.85 -13.52 21.28
C GLU A 224 16.36 -13.74 21.54
N PRO A 225 15.48 -13.88 20.52
CA PRO A 225 14.06 -14.08 20.72
C PRO A 225 13.66 -15.35 21.47
N ARG A 226 12.62 -15.21 22.26
CA ARG A 226 12.00 -16.33 22.93
C ARG A 226 10.84 -16.90 22.07
N PRO A 227 10.28 -18.07 22.37
CA PRO A 227 9.15 -18.60 21.60
C PRO A 227 7.90 -17.72 21.59
N LEU A 228 7.32 -17.65 20.39
CA LEU A 228 6.14 -16.83 20.09
C LEU A 228 4.86 -17.23 20.85
N PRO A 229 4.21 -16.32 21.58
CA PRO A 229 3.04 -16.63 22.40
C PRO A 229 1.79 -17.16 21.66
N LYS A 230 0.70 -17.52 22.33
CA LYS A 230 -0.51 -18.09 21.72
C LYS A 230 -1.76 -17.25 21.94
N LEU A 231 -2.64 -17.02 20.96
CA LEU A 231 -3.85 -16.26 21.26
C LEU A 231 -5.06 -17.19 21.42
N ILE A 232 -5.76 -17.05 22.51
CA ILE A 232 -6.96 -17.83 22.78
C ILE A 232 -8.16 -16.89 22.84
N ILE A 233 -9.12 -16.97 21.92
CA ILE A 233 -10.40 -16.27 22.11
C ILE A 233 -11.40 -17.23 22.76
N LYS A 234 -11.90 -16.87 23.93
CA LYS A 234 -12.78 -17.70 24.75
C LYS A 234 -14.28 -17.63 24.42
N ARG A 235 -14.62 -16.81 23.44
CA ARG A 235 -15.99 -16.48 23.09
C ARG A 235 -16.11 -16.03 21.64
N LYS A 236 -17.05 -16.54 20.86
CA LYS A 236 -17.31 -16.08 19.50
C LYS A 236 -18.49 -15.15 19.65
N PRO A 237 -18.35 -13.85 19.70
CA PRO A 237 -19.44 -12.87 19.78
C PRO A 237 -20.37 -12.83 18.58
N GLU A 238 -21.59 -12.27 18.71
CA GLU A 238 -22.54 -12.27 17.57
C GLU A 238 -22.12 -11.45 16.35
N SER A 239 -21.28 -10.45 16.62
CA SER A 239 -20.65 -9.68 15.57
C SER A 239 -19.29 -9.20 16.03
N ILE A 240 -18.47 -8.82 15.06
CA ILE A 240 -17.15 -8.22 15.24
C ILE A 240 -17.15 -6.99 16.17
N PHE A 241 -18.26 -6.26 16.25
CA PHE A 241 -18.33 -5.05 17.08
C PHE A 241 -18.54 -5.38 18.55
N ASP A 242 -18.87 -6.66 18.84
CA ASP A 242 -19.13 -7.18 20.19
C ASP A 242 -18.00 -7.81 21.00
N TYR A 243 -16.73 -7.56 20.67
CA TYR A 243 -15.67 -8.09 21.48
C TYR A 243 -15.33 -7.15 22.66
N ARG A 244 -15.23 -7.82 23.78
CA ARG A 244 -14.82 -7.16 25.00
C ARG A 244 -13.37 -7.55 25.27
N PHE A 245 -12.65 -6.78 26.06
CA PHE A 245 -11.28 -7.09 26.43
C PHE A 245 -11.04 -8.52 26.96
N GLU A 246 -11.98 -9.02 27.78
CA GLU A 246 -11.83 -10.32 28.41
C GLU A 246 -12.14 -11.57 27.58
N ASP A 247 -12.50 -11.38 26.32
CA ASP A 247 -12.58 -12.55 25.45
C ASP A 247 -11.21 -13.10 25.08
N PHE A 248 -10.21 -12.25 25.16
CA PHE A 248 -8.85 -12.56 24.74
C PHE A 248 -7.89 -12.95 25.86
N GLU A 249 -7.34 -14.12 25.70
CA GLU A 249 -6.29 -14.58 26.59
C GLU A 249 -5.00 -14.80 25.80
N ILE A 250 -3.88 -14.29 26.31
CA ILE A 250 -2.60 -14.52 25.67
C ILE A 250 -1.84 -15.58 26.48
N GLU A 251 -1.42 -16.69 25.88
CA GLU A 251 -0.69 -17.75 26.59
C GLU A 251 0.77 -17.95 26.22
N GLY A 252 1.63 -18.41 27.10
CA GLY A 252 3.07 -18.59 26.78
C GLY A 252 3.89 -17.31 26.51
N TYR A 253 3.43 -16.14 26.96
CA TYR A 253 4.20 -14.92 26.81
C TYR A 253 5.15 -14.68 27.98
N ASP A 254 6.45 -14.69 27.69
CA ASP A 254 7.55 -14.48 28.65
C ASP A 254 8.67 -13.60 28.05
N PRO A 255 8.56 -12.28 28.11
CA PRO A 255 9.49 -11.36 27.45
C PRO A 255 10.74 -10.92 28.21
N HIS A 256 11.78 -10.47 27.49
CA HIS A 256 12.90 -9.79 28.13
C HIS A 256 12.43 -8.48 28.83
N PRO A 257 13.17 -7.78 29.69
CA PRO A 257 12.66 -6.58 30.36
C PRO A 257 12.22 -5.48 29.40
N GLY A 258 11.17 -4.72 29.70
CA GLY A 258 10.81 -3.57 28.86
C GLY A 258 11.96 -2.57 28.70
N ILE A 259 12.00 -1.86 27.57
CA ILE A 259 13.02 -0.86 27.31
C ILE A 259 12.30 0.44 27.02
N LYS A 260 12.53 1.50 27.79
CA LYS A 260 11.85 2.76 27.49
C LYS A 260 12.60 3.64 26.50
N ALA A 261 11.90 4.59 25.90
CA ALA A 261 12.45 5.51 24.89
C ALA A 261 11.55 6.70 24.61
N PRO A 262 12.01 7.92 24.35
CA PRO A 262 11.14 9.08 24.13
C PRO A 262 10.27 9.06 22.87
N VAL A 263 9.03 9.52 22.91
CA VAL A 263 8.20 9.65 21.72
C VAL A 263 8.56 10.97 21.05
N ALA A 264 9.00 11.00 19.80
CA ALA A 264 9.11 12.27 19.09
C ALA A 264 7.72 12.89 18.80
N ILE A 265 7.56 14.17 19.14
CA ILE A 265 6.28 14.89 19.00
C ILE A 265 5.79 15.19 17.58
C FMT B 1 13.05 -8.54 -18.96
O1 FMT B 1 11.89 -8.64 -19.34
O2 FMT B 1 13.71 -7.57 -19.30
N MET B 2 12.69 -8.46 -17.68
CA MET B 2 13.69 -8.26 -16.63
C MET B 2 13.76 -9.27 -15.51
N LYS B 3 14.93 -9.58 -14.97
CA LYS B 3 15.07 -10.60 -13.90
C LYS B 3 14.14 -10.57 -12.68
N GLN B 4 13.81 -9.39 -12.10
CA GLN B 4 12.79 -9.27 -11.04
C GLN B 4 11.42 -9.77 -11.54
N TYR B 5 10.93 -9.20 -12.66
CA TYR B 5 9.66 -9.59 -13.29
C TYR B 5 9.53 -11.07 -13.64
N LEU B 6 10.55 -11.63 -14.27
CA LEU B 6 10.62 -13.07 -14.56
C LEU B 6 10.68 -13.93 -13.29
N GLU B 7 11.36 -13.48 -12.22
CA GLU B 7 11.38 -14.25 -10.98
C GLU B 7 10.02 -14.34 -10.29
N LEU B 8 9.23 -13.28 -10.47
CA LEU B 8 7.85 -13.23 -10.01
C LEU B 8 6.93 -14.17 -10.78
N MET B 9 7.08 -14.17 -12.10
CA MET B 9 6.38 -15.06 -13.01
C MET B 9 6.56 -16.55 -12.65
N GLN B 10 7.77 -17.05 -12.38
CA GLN B 10 7.97 -18.43 -11.91
C GLN B 10 7.40 -18.73 -10.53
N LYS B 11 7.48 -17.75 -9.63
CA LYS B 11 6.92 -17.82 -8.28
C LYS B 11 5.41 -18.08 -8.27
N VAL B 12 4.66 -17.37 -9.13
CA VAL B 12 3.21 -17.61 -9.29
C VAL B 12 2.90 -19.02 -9.81
N LEU B 13 3.73 -19.58 -10.71
CA LEU B 13 3.60 -20.97 -11.13
C LEU B 13 3.97 -21.98 -10.05
N ASP B 14 5.14 -21.89 -9.37
CA ASP B 14 5.48 -22.82 -8.29
C ASP B 14 4.58 -22.82 -7.04
N GLU B 15 4.10 -21.62 -6.68
CA GLU B 15 3.37 -21.41 -5.43
C GLU B 15 1.94 -20.91 -5.52
N GLY B 16 1.48 -20.49 -6.69
CA GLY B 16 0.17 -19.87 -6.82
C GLY B 16 -1.05 -20.75 -6.53
N THR B 17 -2.00 -20.25 -5.76
CA THR B 17 -3.23 -20.99 -5.53
C THR B 17 -4.18 -20.77 -6.71
N GLN B 18 -4.76 -21.87 -7.16
CA GLN B 18 -5.76 -21.83 -8.20
C GLN B 18 -7.07 -21.23 -7.66
N LYS B 19 -7.41 -20.04 -8.16
CA LYS B 19 -8.67 -19.39 -7.77
C LYS B 19 -9.71 -19.14 -8.85
N ASN B 20 -11.00 -19.11 -8.52
CA ASN B 20 -12.05 -18.74 -9.46
C ASN B 20 -12.13 -17.20 -9.44
N ASP B 21 -12.28 -16.47 -10.53
CA ASP B 21 -12.32 -15.02 -10.41
C ASP B 21 -13.53 -14.36 -11.08
N ARG B 22 -13.81 -13.06 -11.03
CA ARG B 22 -15.03 -12.49 -11.62
C ARG B 22 -15.42 -12.78 -13.08
N THR B 23 -14.40 -13.01 -13.91
CA THR B 23 -14.50 -13.36 -15.34
C THR B 23 -14.86 -14.84 -15.59
N GLY B 24 -14.59 -15.70 -14.61
CA GLY B 24 -14.77 -17.14 -14.79
C GLY B 24 -13.49 -17.81 -15.27
N THR B 25 -12.67 -17.14 -16.11
CA THR B 25 -11.39 -17.64 -16.68
C THR B 25 -10.46 -18.51 -15.84
N GLY B 26 -10.53 -18.32 -14.53
CA GLY B 26 -9.58 -18.95 -13.63
C GLY B 26 -8.24 -18.20 -13.57
N THR B 27 -7.56 -18.40 -12.46
CA THR B 27 -6.26 -17.77 -12.22
C THR B 27 -5.30 -18.59 -11.36
N LEU B 28 -4.00 -18.37 -11.48
CA LEU B 28 -3.04 -18.83 -10.48
C LEU B 28 -2.64 -17.59 -9.66
N SER B 29 -2.67 -17.67 -8.33
CA SER B 29 -2.45 -16.50 -7.48
C SER B 29 -1.65 -16.52 -6.17
N ILE B 30 -0.94 -15.46 -5.89
CA ILE B 30 -0.27 -15.26 -4.62
C ILE B 30 -0.73 -13.90 -4.06
N PHE B 31 -0.46 -13.71 -2.77
CA PHE B 31 -0.80 -12.50 -2.05
C PHE B 31 0.43 -11.87 -1.39
N GLY B 32 0.65 -10.58 -1.58
CA GLY B 32 1.78 -9.93 -0.96
C GLY B 32 3.10 -10.27 -1.66
N HIS B 33 3.56 -9.34 -2.50
CA HIS B 33 4.86 -9.45 -3.16
C HIS B 33 5.49 -8.07 -3.38
N GLN B 34 6.79 -7.86 -3.12
CA GLN B 34 7.44 -6.57 -3.40
C GLN B 34 8.66 -6.64 -4.34
N MET B 35 8.91 -5.62 -5.14
CA MET B 35 10.01 -5.56 -6.13
C MET B 35 10.66 -4.18 -6.20
N ARG B 36 11.96 -4.17 -6.00
CA ARG B 36 12.77 -2.97 -6.08
C ARG B 36 13.44 -2.72 -7.43
N PHE B 37 13.19 -1.59 -8.08
CA PHE B 37 13.89 -1.25 -9.32
C PHE B 37 14.78 -0.01 -9.22
N ASN B 38 16.10 -0.17 -9.18
CA ASN B 38 16.97 0.99 -9.16
C ASN B 38 16.92 1.77 -10.47
N LEU B 39 16.31 2.94 -10.51
CA LEU B 39 16.18 3.67 -11.76
C LEU B 39 17.48 4.28 -12.29
N GLN B 40 18.57 4.29 -11.50
CA GLN B 40 19.88 4.69 -12.03
C GLN B 40 20.36 3.69 -13.08
N ASP B 41 20.07 2.41 -12.88
CA ASP B 41 20.52 1.35 -13.80
C ASP B 41 19.84 1.26 -15.18
N GLY B 42 18.95 2.17 -15.55
CA GLY B 42 18.26 2.09 -16.82
C GLY B 42 16.74 2.23 -16.69
N PHE B 43 15.98 2.10 -17.77
CA PHE B 43 14.54 2.22 -17.66
C PHE B 43 13.89 0.85 -17.56
N PRO B 44 13.02 0.56 -16.57
CA PRO B 44 12.51 -0.76 -16.31
C PRO B 44 11.38 -1.24 -17.19
N LEU B 45 11.59 -1.13 -18.50
CA LEU B 45 10.66 -1.59 -19.52
C LEU B 45 11.04 -3.01 -19.93
N VAL B 46 10.16 -4.00 -19.89
CA VAL B 46 10.57 -5.37 -20.24
C VAL B 46 11.29 -5.58 -21.59
N THR B 47 12.30 -6.43 -21.58
CA THR B 47 13.05 -6.72 -22.80
C THR B 47 12.70 -8.12 -23.29
N THR B 48 12.15 -9.02 -22.45
CA THR B 48 11.74 -10.35 -22.91
C THR B 48 10.53 -10.44 -23.83
N LYS B 49 9.78 -9.36 -23.97
CA LYS B 49 8.73 -9.24 -24.97
C LYS B 49 8.65 -7.77 -25.33
N ARG B 50 8.37 -7.43 -26.57
CA ARG B 50 8.29 -6.04 -26.96
C ARG B 50 7.15 -5.19 -26.39
N CYS B 51 7.43 -4.34 -25.43
CA CYS B 51 6.43 -3.34 -25.05
C CYS B 51 6.39 -2.04 -25.85
N HIS B 52 5.17 -1.55 -26.09
CA HIS B 52 4.96 -0.37 -26.92
C HIS B 52 4.84 0.93 -26.10
N LEU B 53 5.94 1.67 -25.93
CA LEU B 53 5.97 2.92 -25.15
C LEU B 53 4.93 3.99 -25.52
N ARG B 54 4.55 4.20 -26.78
CA ARG B 54 3.52 5.18 -27.15
C ARG B 54 2.14 5.07 -26.45
N SER B 55 1.75 3.88 -26.02
CA SER B 55 0.50 3.68 -25.26
C SER B 55 0.69 3.94 -23.77
N ILE B 56 1.81 3.48 -23.17
CA ILE B 56 2.20 3.80 -21.78
C ILE B 56 2.22 5.33 -21.57
N ILE B 57 3.03 6.03 -22.35
CA ILE B 57 3.12 7.48 -22.26
C ILE B 57 1.76 8.16 -22.53
N HIS B 58 0.90 7.69 -23.44
CA HIS B 58 -0.40 8.35 -23.64
C HIS B 58 -1.43 8.13 -22.52
N GLU B 59 -1.51 6.94 -21.92
CA GLU B 59 -2.38 6.70 -20.76
C GLU B 59 -2.00 7.61 -19.59
N LEU B 60 -0.71 7.68 -19.27
CA LEU B 60 -0.18 8.57 -18.23
C LEU B 60 -0.37 10.07 -18.46
N LEU B 61 -0.23 10.62 -19.67
CA LEU B 61 -0.56 12.05 -19.87
C LEU B 61 -2.07 12.25 -19.70
N TRP B 62 -2.90 11.32 -20.18
CA TRP B 62 -4.36 11.28 -19.97
C TRP B 62 -4.70 11.31 -18.46
N PHE B 63 -4.11 10.47 -17.62
CA PHE B 63 -4.22 10.58 -16.17
C PHE B 63 -3.86 11.98 -15.61
N LEU B 64 -2.64 12.46 -15.87
CA LEU B 64 -2.19 13.76 -15.40
C LEU B 64 -3.04 14.96 -15.81
N GLN B 65 -3.90 14.83 -16.83
CA GLN B 65 -4.80 15.94 -17.15
C GLN B 65 -6.18 15.82 -16.49
N GLY B 66 -6.43 14.77 -15.72
CA GLY B 66 -7.70 14.57 -15.02
C GLY B 66 -8.85 14.09 -15.89
N ASP B 67 -8.57 13.47 -17.02
CA ASP B 67 -9.58 13.06 -18.00
C ASP B 67 -10.05 11.62 -17.80
N THR B 68 -11.37 11.40 -17.74
CA THR B 68 -11.92 10.05 -17.62
C THR B 68 -12.69 9.54 -18.84
N ASN B 69 -12.63 10.34 -19.90
CA ASN B 69 -13.20 9.97 -21.18
C ASN B 69 -12.09 9.47 -22.14
N ILE B 70 -12.31 8.33 -22.78
CA ILE B 70 -11.33 7.75 -23.69
C ILE B 70 -11.18 8.42 -25.06
N ALA B 71 -11.79 9.59 -25.23
CA ALA B 71 -11.62 10.43 -26.41
C ALA B 71 -10.15 10.75 -26.73
N TYR B 72 -9.37 11.29 -25.78
CA TYR B 72 -7.92 11.52 -25.93
C TYR B 72 -7.17 10.26 -26.38
N LEU B 73 -7.37 9.17 -25.65
CA LEU B 73 -6.78 7.88 -26.03
C LEU B 73 -7.25 7.38 -27.40
N HIS B 74 -8.37 7.87 -27.95
CA HIS B 74 -8.72 7.54 -29.33
C HIS B 74 -7.99 8.40 -30.36
N GLU B 75 -7.95 9.73 -30.19
CA GLU B 75 -7.13 10.65 -31.00
C GLU B 75 -5.71 10.09 -31.21
N ASN B 76 -5.18 9.51 -30.13
CA ASN B 76 -3.86 8.91 -30.11
C ASN B 76 -3.82 7.37 -30.06
N ASN B 77 -4.78 6.78 -30.76
CA ASN B 77 -4.97 5.33 -30.92
C ASN B 77 -4.93 4.31 -29.78
N VAL B 78 -4.85 4.70 -28.51
CA VAL B 78 -4.91 3.74 -27.42
C VAL B 78 -6.34 3.25 -27.21
N THR B 79 -6.43 1.94 -27.38
CA THR B 79 -7.70 1.26 -27.13
C THR B 79 -7.91 0.80 -25.70
N ILE B 80 -7.41 -0.35 -25.23
CA ILE B 80 -7.67 -0.99 -23.92
C ILE B 80 -8.79 -0.52 -22.98
N TRP B 81 -9.01 0.75 -22.61
CA TRP B 81 -10.17 1.15 -21.81
C TRP B 81 -11.57 1.04 -22.46
N ASP B 82 -11.66 0.53 -23.69
CA ASP B 82 -12.92 0.39 -24.42
C ASP B 82 -14.06 -0.49 -23.91
N GLU B 83 -13.92 -1.71 -23.38
CA GLU B 83 -15.09 -2.39 -22.82
C GLU B 83 -15.69 -1.78 -21.55
N TRP B 84 -14.90 -1.00 -20.83
CA TRP B 84 -15.36 -0.40 -19.60
C TRP B 84 -16.00 0.98 -19.76
N ALA B 85 -15.91 1.59 -20.93
CA ALA B 85 -16.54 2.89 -21.15
C ALA B 85 -18.02 2.92 -21.56
N ASP B 86 -18.83 3.81 -20.99
CA ASP B 86 -20.23 3.92 -21.43
C ASP B 86 -20.37 4.52 -22.83
N GLU B 87 -21.50 4.48 -23.55
CA GLU B 87 -21.65 5.01 -24.92
C GLU B 87 -21.10 6.41 -25.21
N ASN B 88 -21.06 7.32 -24.23
CA ASN B 88 -20.40 8.62 -24.39
C ASN B 88 -18.87 8.60 -24.19
N GLY B 89 -18.24 7.42 -24.21
CA GLY B 89 -16.81 7.28 -23.96
C GLY B 89 -16.35 7.45 -22.50
N ASP B 90 -17.22 7.36 -21.49
CA ASP B 90 -16.80 7.56 -20.09
C ASP B 90 -16.61 6.38 -19.14
N LEU B 91 -15.52 6.47 -18.36
CA LEU B 91 -15.18 5.45 -17.36
C LEU B 91 -15.61 5.71 -15.91
N GLY B 92 -16.27 6.84 -15.64
CA GLY B 92 -16.61 7.28 -14.29
C GLY B 92 -15.45 8.03 -13.61
N PRO B 93 -15.47 8.45 -12.33
CA PRO B 93 -14.33 9.12 -11.67
C PRO B 93 -13.11 8.25 -11.36
N VAL B 94 -12.49 7.69 -12.41
CA VAL B 94 -11.30 6.85 -12.32
C VAL B 94 -9.96 7.61 -12.15
N TYR B 95 -8.79 6.96 -12.23
CA TYR B 95 -7.48 7.56 -11.89
C TYR B 95 -7.27 9.05 -12.03
N GLY B 96 -7.36 9.57 -13.24
CA GLY B 96 -7.15 10.98 -13.51
C GLY B 96 -8.09 11.88 -12.75
N LYS B 97 -9.35 11.49 -12.55
CA LYS B 97 -10.27 12.31 -11.77
C LYS B 97 -9.86 12.45 -10.29
N GLN B 98 -9.35 11.39 -9.71
CA GLN B 98 -8.88 11.41 -8.32
C GLN B 98 -7.51 12.06 -8.11
N TRP B 99 -6.59 11.92 -9.08
CA TRP B 99 -5.27 12.54 -9.05
C TRP B 99 -5.36 14.08 -9.06
N ARG B 100 -6.28 14.57 -9.88
CA ARG B 100 -6.46 16.02 -10.08
C ARG B 100 -7.64 16.69 -9.38
N ALA B 101 -8.67 15.95 -8.98
CA ALA B 101 -9.85 16.56 -8.39
C ALA B 101 -10.69 15.70 -7.46
N TRP B 102 -10.03 15.13 -6.44
CA TRP B 102 -10.75 14.36 -5.41
C TRP B 102 -11.78 15.29 -4.75
N PRO B 103 -13.09 15.00 -4.87
CA PRO B 103 -14.17 15.85 -4.38
C PRO B 103 -14.51 15.71 -2.90
N THR B 104 -14.63 16.84 -2.21
CA THR B 104 -14.99 16.84 -0.77
C THR B 104 -16.46 16.58 -0.50
N PRO B 105 -16.96 16.35 0.74
CA PRO B 105 -18.37 16.48 1.08
C PRO B 105 -18.88 17.92 0.96
N ASP B 106 -17.98 18.88 1.18
CA ASP B 106 -18.30 20.31 1.11
C ASP B 106 -18.09 21.03 -0.23
N GLY B 107 -18.26 20.32 -1.34
CA GLY B 107 -18.18 20.86 -2.70
C GLY B 107 -16.80 21.01 -3.37
N ARG B 108 -15.82 21.48 -2.61
CA ARG B 108 -14.45 21.70 -3.09
C ARG B 108 -13.69 20.49 -3.67
N HIS B 109 -12.62 20.71 -4.44
CA HIS B 109 -11.75 19.62 -4.91
C HIS B 109 -10.30 19.67 -4.44
N ILE B 110 -9.58 18.55 -4.52
CA ILE B 110 -8.17 18.54 -4.14
C ILE B 110 -7.26 17.96 -5.24
N ASP B 111 -6.36 18.81 -5.69
CA ASP B 111 -5.40 18.44 -6.71
C ASP B 111 -4.19 17.80 -6.05
N GLN B 112 -4.22 16.48 -6.03
CA GLN B 112 -3.15 15.72 -5.40
C GLN B 112 -1.80 15.80 -6.13
N ILE B 113 -1.75 16.03 -7.46
CA ILE B 113 -0.47 16.20 -8.14
C ILE B 113 0.12 17.58 -7.80
N THR B 114 -0.61 18.70 -7.86
CA THR B 114 -0.08 20.00 -7.36
C THR B 114 0.39 19.92 -5.90
N THR B 115 -0.42 19.33 -5.01
CA THR B 115 -0.04 19.09 -3.61
C THR B 115 1.31 18.37 -3.54
N VAL B 116 1.45 17.30 -4.25
CA VAL B 116 2.64 16.48 -4.19
C VAL B 116 3.83 17.23 -4.79
N LEU B 117 3.69 17.99 -5.90
CA LEU B 117 4.80 18.82 -6.42
C LEU B 117 5.22 19.89 -5.40
N ASN B 118 4.29 20.65 -4.81
CA ASN B 118 4.60 21.61 -3.74
C ASN B 118 5.31 20.97 -2.54
N GLN B 119 4.86 19.81 -2.04
CA GLN B 119 5.60 19.05 -1.03
C GLN B 119 7.03 18.64 -1.41
N LEU B 120 7.26 18.20 -2.65
CA LEU B 120 8.61 17.90 -3.13
C LEU B 120 9.50 19.16 -3.30
N LYS B 121 8.90 20.30 -3.70
CA LYS B 121 9.60 21.59 -3.76
C LYS B 121 9.75 22.40 -2.46
N ASN B 122 8.95 22.11 -1.42
CA ASN B 122 9.03 22.84 -0.15
C ASN B 122 9.34 21.97 1.09
N ASP B 123 8.86 20.74 1.14
CA ASP B 123 9.06 19.87 2.28
C ASP B 123 9.45 18.44 1.82
N PRO B 124 10.67 18.21 1.35
CA PRO B 124 11.05 16.92 0.80
C PRO B 124 11.17 15.81 1.83
N ASP B 125 11.32 16.13 3.10
CA ASP B 125 11.47 15.09 4.15
C ASP B 125 10.18 14.44 4.64
N SER B 126 9.10 15.04 4.16
CA SER B 126 7.73 14.64 4.42
C SER B 126 7.44 13.15 4.17
N ARG B 127 6.83 12.53 5.16
CA ARG B 127 6.41 11.13 5.05
C ARG B 127 4.91 11.02 4.72
N ARG B 128 4.34 12.09 4.17
CA ARG B 128 2.95 12.14 3.76
C ARG B 128 2.85 12.50 2.28
N ILE B 129 3.87 12.36 1.43
CA ILE B 129 3.77 12.70 0.00
C ILE B 129 3.11 11.54 -0.76
N ILE B 130 1.83 11.47 -0.55
CA ILE B 130 1.00 10.40 -1.08
C ILE B 130 -0.06 10.88 -2.06
N VAL B 131 -0.42 10.05 -3.01
CA VAL B 131 -1.63 10.30 -3.79
C VAL B 131 -2.38 8.99 -3.90
N SER B 132 -3.65 9.12 -3.54
CA SER B 132 -4.55 8.00 -3.63
C SER B 132 -5.65 8.11 -4.67
N ALA B 133 -5.86 7.00 -5.34
CA ALA B 133 -6.94 6.82 -6.31
C ALA B 133 -8.09 6.03 -5.64
N TRP B 134 -7.86 5.38 -4.51
CA TRP B 134 -8.90 4.61 -3.81
C TRP B 134 -9.93 5.50 -3.06
N ASN B 135 -10.81 6.11 -3.83
CA ASN B 135 -11.84 6.98 -3.30
C ASN B 135 -13.11 6.20 -2.97
N VAL B 136 -13.16 5.62 -1.77
CA VAL B 136 -14.29 4.81 -1.29
C VAL B 136 -15.66 5.44 -1.53
N GLY B 137 -15.88 6.71 -1.24
CA GLY B 137 -17.18 7.34 -1.49
C GLY B 137 -17.59 7.46 -2.96
N GLU B 138 -16.68 7.07 -3.87
CA GLU B 138 -16.90 7.07 -5.31
C GLU B 138 -16.59 5.80 -6.10
N LEU B 139 -16.28 4.66 -5.46
CA LEU B 139 -15.94 3.42 -6.16
C LEU B 139 -17.04 2.81 -7.02
N ASP B 140 -18.26 3.06 -6.57
CA ASP B 140 -19.48 2.61 -7.21
C ASP B 140 -19.82 3.36 -8.51
N LYS B 141 -19.24 4.53 -8.71
CA LYS B 141 -19.42 5.32 -9.92
C LYS B 141 -18.33 5.12 -11.00
N MET B 142 -17.35 4.29 -10.66
CA MET B 142 -16.23 3.94 -11.55
C MET B 142 -16.51 2.64 -12.28
N ALA B 143 -16.29 2.59 -13.59
CA ALA B 143 -16.45 1.35 -14.38
C ALA B 143 -15.65 0.11 -13.95
N LEU B 144 -14.50 0.40 -13.36
CA LEU B 144 -13.58 -0.61 -12.89
C LEU B 144 -12.79 0.01 -11.73
N ALA B 145 -12.83 -0.57 -10.54
CA ALA B 145 -12.08 -0.05 -9.39
C ALA B 145 -10.56 0.02 -9.58
N PRO B 146 -9.83 1.04 -9.09
CA PRO B 146 -8.40 1.20 -9.25
C PRO B 146 -7.51 0.05 -8.89
N CYS B 147 -6.78 -0.54 -9.84
CA CYS B 147 -5.74 -1.54 -9.56
C CYS B 147 -4.49 -0.98 -8.89
N HIS B 148 -3.90 0.04 -9.54
CA HIS B 148 -2.74 0.72 -9.00
C HIS B 148 -3.30 1.89 -8.15
N ALA B 149 -3.56 1.50 -6.92
CA ALA B 149 -4.42 2.30 -6.05
C ALA B 149 -3.92 3.45 -5.21
N PHE B 150 -2.66 3.32 -4.82
CA PHE B 150 -2.07 4.19 -3.81
C PHE B 150 -0.55 4.33 -4.07
N PHE B 151 0.02 5.54 -4.17
CA PHE B 151 1.48 5.68 -4.18
C PHE B 151 2.08 6.80 -3.34
N GLN B 152 3.28 6.51 -2.89
CA GLN B 152 4.04 7.40 -2.04
C GLN B 152 5.41 7.81 -2.58
N PHE B 153 5.72 9.10 -2.63
CA PHE B 153 7.05 9.58 -2.95
C PHE B 153 7.95 9.80 -1.71
N TYR B 154 9.25 9.76 -1.95
CA TYR B 154 10.25 9.80 -0.91
C TYR B 154 11.50 10.51 -1.40
N VAL B 155 12.10 11.39 -0.62
CA VAL B 155 13.36 12.00 -1.04
C VAL B 155 14.43 11.63 -0.02
N ALA B 156 15.49 10.99 -0.43
CA ALA B 156 16.61 10.73 0.46
C ALA B 156 17.86 11.47 -0.05
N ASP B 157 19.01 10.91 -0.41
CA ASP B 157 20.15 11.74 -0.82
C ASP B 157 20.10 12.38 -2.21
N GLY B 158 19.29 13.44 -2.29
CA GLY B 158 19.01 14.13 -3.56
C GLY B 158 18.22 13.29 -4.58
N LYS B 159 17.79 12.07 -4.20
CA LYS B 159 17.03 11.15 -5.03
C LYS B 159 15.57 10.98 -4.65
N LEU B 160 14.77 10.98 -5.69
CA LEU B 160 13.36 10.73 -5.61
C LEU B 160 12.96 9.25 -5.86
N SER B 161 12.42 8.63 -4.82
CA SER B 161 11.89 7.27 -4.92
C SER B 161 10.38 7.23 -4.83
N CYS B 162 9.79 6.21 -5.40
CA CYS B 162 8.33 6.03 -5.42
C CYS B 162 7.91 4.61 -5.11
N GLN B 163 6.89 4.43 -4.28
CA GLN B 163 6.35 3.10 -3.99
C GLN B 163 4.86 3.10 -4.25
N LEU B 164 4.51 2.04 -4.99
CA LEU B 164 3.17 1.70 -5.44
C LEU B 164 2.48 0.53 -4.71
N TYR B 165 1.20 0.74 -4.39
CA TYR B 165 0.37 -0.36 -3.97
C TYR B 165 -0.70 -0.70 -5.03
N GLN B 166 -0.45 -1.86 -5.60
CA GLN B 166 -1.31 -2.40 -6.62
C GLN B 166 -2.01 -3.61 -6.00
N ARG B 167 -3.27 -3.35 -5.65
CA ARG B 167 -4.17 -4.34 -5.05
C ARG B 167 -4.44 -5.63 -5.85
N SER B 168 -4.62 -5.49 -7.16
CA SER B 168 -4.83 -6.64 -8.04
C SER B 168 -3.96 -6.51 -9.27
N CYS B 169 -3.18 -7.54 -9.55
CA CYS B 169 -2.23 -7.45 -10.67
C CYS B 169 -2.18 -8.55 -11.73
N ASP B 170 -2.33 -8.19 -13.00
CA ASP B 170 -2.20 -9.14 -14.13
C ASP B 170 -0.73 -9.20 -14.56
N VAL B 171 -0.06 -10.22 -14.00
CA VAL B 171 1.37 -10.37 -14.18
C VAL B 171 1.76 -10.33 -15.63
N PHE B 172 1.06 -11.04 -16.55
CA PHE B 172 1.47 -11.01 -17.95
C PHE B 172 1.17 -9.74 -18.75
N LEU B 173 -0.10 -9.34 -18.69
CA LEU B 173 -0.58 -8.21 -19.45
C LEU B 173 -0.32 -6.85 -18.83
N GLY B 174 -0.93 -6.58 -17.68
CA GLY B 174 -0.85 -5.27 -17.05
C GLY B 174 0.45 -4.90 -16.37
N LEU B 175 1.05 -5.75 -15.56
CA LEU B 175 2.29 -5.44 -14.87
C LEU B 175 3.47 -4.85 -15.67
N PRO B 176 3.90 -5.28 -16.88
CA PRO B 176 4.89 -4.57 -17.70
C PRO B 176 4.51 -3.10 -17.97
N PHE B 177 3.26 -2.87 -18.33
CA PHE B 177 2.78 -1.51 -18.57
C PHE B 177 2.72 -0.68 -17.29
N ASN B 178 2.28 -1.27 -16.16
CA ASN B 178 2.24 -0.51 -14.90
C ASN B 178 3.59 -0.14 -14.30
N ILE B 179 4.63 -0.99 -14.35
CA ILE B 179 6.00 -0.62 -13.97
C ILE B 179 6.56 0.53 -14.81
N ALA B 180 6.55 0.45 -16.14
CA ALA B 180 7.03 1.56 -16.95
C ALA B 180 6.28 2.88 -16.71
N SER B 181 4.96 2.84 -16.63
CA SER B 181 4.10 3.99 -16.35
C SER B 181 4.49 4.80 -15.09
N TYR B 182 4.76 4.12 -13.98
CA TYR B 182 5.11 4.83 -12.75
C TYR B 182 6.57 5.25 -12.68
N ALA B 183 7.45 4.41 -13.23
CA ALA B 183 8.88 4.75 -13.39
C ALA B 183 9.04 6.00 -14.25
N LEU B 184 8.16 6.09 -15.24
CA LEU B 184 8.08 7.25 -16.13
C LEU B 184 7.69 8.51 -15.35
N LEU B 185 6.61 8.41 -14.52
CA LEU B 185 6.17 9.51 -13.64
C LEU B 185 7.26 9.98 -12.69
N VAL B 186 8.01 9.05 -12.09
CA VAL B 186 9.17 9.35 -11.24
C VAL B 186 10.19 10.20 -12.02
N HIS B 187 10.42 9.92 -13.32
CA HIS B 187 11.33 10.75 -14.12
C HIS B 187 10.80 12.14 -14.40
N MET B 188 9.51 12.31 -14.72
CA MET B 188 8.91 13.64 -14.90
C MET B 188 8.92 14.48 -13.60
N MET B 189 8.60 13.86 -12.45
CA MET B 189 8.66 14.51 -11.13
C MET B 189 10.08 14.85 -10.72
N ALA B 190 11.05 13.93 -10.84
CA ALA B 190 12.47 14.26 -10.61
C ALA B 190 12.93 15.45 -11.44
N GLN B 191 12.51 15.49 -12.71
CA GLN B 191 12.84 16.61 -13.60
C GLN B 191 12.19 17.93 -13.19
N GLN B 192 10.90 17.95 -12.85
CA GLN B 192 10.27 19.19 -12.38
C GLN B 192 10.75 19.72 -11.02
N CYS B 193 11.31 18.81 -10.22
CA CYS B 193 11.81 19.14 -8.89
C CYS B 193 13.31 19.10 -8.70
N ASP B 194 14.14 19.04 -9.76
CA ASP B 194 15.61 19.02 -9.65
C ASP B 194 16.20 18.04 -8.65
N LEU B 195 15.66 16.84 -8.73
CA LEU B 195 16.12 15.74 -7.91
C LEU B 195 16.62 14.67 -8.86
N GLU B 196 17.57 13.86 -8.42
CA GLU B 196 18.04 12.70 -9.17
C GLU B 196 17.03 11.54 -9.07
N VAL B 197 16.93 10.56 -9.96
CA VAL B 197 15.95 9.48 -9.79
C VAL B 197 16.43 8.42 -8.79
N GLY B 198 15.53 7.86 -8.01
CA GLY B 198 15.92 6.85 -7.05
C GLY B 198 15.41 5.47 -7.39
N ASP B 199 14.83 4.86 -6.39
CA ASP B 199 14.21 3.56 -6.56
C ASP B 199 12.75 3.61 -6.96
N PHE B 200 12.29 2.66 -7.78
CA PHE B 200 10.86 2.45 -7.96
C PHE B 200 10.51 1.12 -7.28
N VAL B 201 9.72 1.18 -6.23
CA VAL B 201 9.30 -0.01 -5.48
C VAL B 201 7.84 -0.37 -5.77
N TRP B 202 7.62 -1.60 -6.21
CA TRP B 202 6.29 -2.12 -6.51
C TRP B 202 5.77 -3.10 -5.45
N THR B 203 4.58 -2.88 -4.91
CA THR B 203 3.99 -3.78 -3.93
C THR B 203 2.60 -4.24 -4.38
N GLY B 204 2.47 -5.56 -4.47
CA GLY B 204 1.21 -6.16 -4.90
C GLY B 204 0.42 -6.92 -3.85
N GLY B 205 -0.88 -6.81 -4.08
CA GLY B 205 -1.84 -7.57 -3.29
C GLY B 205 -2.04 -8.94 -3.95
N ASP B 206 -3.21 -9.17 -4.55
CA ASP B 206 -3.47 -10.39 -5.32
C ASP B 206 -2.68 -10.34 -6.62
N THR B 207 -1.47 -10.89 -6.65
CA THR B 207 -0.67 -10.93 -7.87
C THR B 207 -0.99 -12.24 -8.58
N HIS B 208 -1.47 -12.18 -9.84
CA HIS B 208 -1.96 -13.38 -10.52
C HIS B 208 -1.69 -13.59 -12.01
N LEU B 209 -1.63 -14.85 -12.42
CA LEU B 209 -1.46 -15.25 -13.83
C LEU B 209 -2.77 -15.93 -14.32
N TYR B 210 -3.45 -15.47 -15.38
CA TYR B 210 -4.69 -16.13 -15.83
C TYR B 210 -4.42 -17.46 -16.52
N SER B 211 -5.33 -18.43 -16.35
CA SER B 211 -5.20 -19.79 -16.90
C SER B 211 -4.84 -19.85 -18.38
N ASN B 212 -5.59 -19.07 -19.17
CA ASN B 212 -5.35 -19.00 -20.60
C ASN B 212 -4.14 -18.15 -21.03
N HIS B 213 -3.15 -17.99 -20.16
CA HIS B 213 -1.90 -17.31 -20.47
C HIS B 213 -0.71 -18.24 -20.28
N MET B 214 -0.81 -19.42 -19.65
CA MET B 214 0.31 -20.33 -19.42
C MET B 214 1.29 -20.60 -20.57
N ASP B 215 0.83 -20.71 -21.83
CA ASP B 215 1.73 -20.91 -22.97
C ASP B 215 2.64 -19.71 -23.20
N GLN B 216 2.03 -18.53 -23.33
CA GLN B 216 2.78 -17.30 -23.46
C GLN B 216 3.73 -17.06 -22.29
N THR B 217 3.31 -17.34 -21.07
CA THR B 217 4.22 -17.30 -19.92
C THR B 217 5.37 -18.29 -20.08
N HIS B 218 5.13 -19.53 -20.51
CA HIS B 218 6.22 -20.47 -20.70
C HIS B 218 7.16 -20.06 -21.82
N LEU B 219 6.64 -19.49 -22.91
CA LEU B 219 7.48 -18.92 -23.96
C LEU B 219 8.35 -17.81 -23.37
N GLN B 220 7.78 -16.88 -22.61
CA GLN B 220 8.55 -15.78 -22.06
C GLN B 220 9.65 -16.18 -21.08
N LEU B 221 9.37 -17.12 -20.18
CA LEU B 221 10.37 -17.62 -19.24
C LEU B 221 11.60 -18.30 -19.84
N SER B 222 11.59 -18.74 -21.12
CA SER B 222 12.79 -19.31 -21.72
C SER B 222 13.71 -18.31 -22.48
N ARG B 223 13.22 -17.10 -22.66
CA ARG B 223 13.95 -16.01 -23.32
C ARG B 223 14.86 -15.25 -22.35
N GLU B 224 16.15 -15.03 -22.56
CA GLU B 224 16.99 -14.29 -21.60
C GLU B 224 16.66 -12.80 -21.59
N PRO B 225 16.73 -12.08 -20.47
CA PRO B 225 16.62 -10.62 -20.45
C PRO B 225 17.81 -10.00 -21.17
N ARG B 226 17.66 -8.79 -21.62
CA ARG B 226 18.76 -8.07 -22.24
C ARG B 226 19.06 -6.76 -21.46
N PRO B 227 20.02 -5.88 -21.75
CA PRO B 227 20.20 -4.62 -21.01
C PRO B 227 18.97 -3.72 -21.06
N LEU B 228 18.74 -2.94 -20.00
CA LEU B 228 17.61 -2.02 -19.99
C LEU B 228 17.86 -0.81 -20.88
N PRO B 229 16.83 -0.22 -21.49
CA PRO B 229 16.98 1.05 -22.18
C PRO B 229 17.31 2.28 -21.33
N LYS B 230 17.48 3.44 -21.94
CA LYS B 230 17.75 4.68 -21.23
C LYS B 230 16.73 5.68 -21.71
N LEU B 231 16.05 6.30 -20.77
CA LEU B 231 15.02 7.25 -21.10
C LEU B 231 15.52 8.70 -21.14
N ILE B 232 15.65 9.21 -22.34
CA ILE B 232 15.94 10.60 -22.53
C ILE B 232 14.65 11.41 -22.59
N ILE B 233 14.58 12.48 -21.81
CA ILE B 233 13.45 13.41 -21.87
C ILE B 233 13.97 14.65 -22.58
N LYS B 234 13.71 14.69 -23.88
CA LYS B 234 14.19 15.75 -24.77
C LYS B 234 13.91 17.22 -24.45
N ARG B 235 13.04 17.53 -23.49
CA ARG B 235 12.89 18.92 -23.09
C ARG B 235 12.52 19.09 -21.63
N LYS B 236 12.37 20.32 -21.09
CA LYS B 236 11.97 20.51 -19.69
C LYS B 236 10.80 21.50 -19.82
N PRO B 237 9.54 20.99 -19.80
CA PRO B 237 8.30 21.76 -19.76
C PRO B 237 8.10 22.76 -18.61
N GLU B 238 7.26 23.78 -18.77
CA GLU B 238 7.05 24.79 -17.72
C GLU B 238 6.32 24.25 -16.48
N SER B 239 5.58 23.17 -16.69
CA SER B 239 4.87 22.45 -15.63
C SER B 239 4.84 20.97 -15.92
N ILE B 240 4.54 20.14 -14.91
CA ILE B 240 4.38 18.68 -15.13
C ILE B 240 3.12 18.31 -15.94
N PHE B 241 2.23 19.29 -16.11
CA PHE B 241 0.99 19.14 -16.88
C PHE B 241 1.12 19.39 -18.38
N ASP B 242 2.26 19.89 -18.85
CA ASP B 242 2.41 20.10 -20.29
C ASP B 242 3.56 19.36 -20.96
N TYR B 243 3.70 18.09 -20.62
CA TYR B 243 4.63 17.22 -21.32
C TYR B 243 3.97 16.70 -22.60
N ARG B 244 4.66 16.00 -23.49
CA ARG B 244 4.07 15.57 -24.75
C ARG B 244 4.78 14.33 -25.29
N PHE B 245 4.13 13.49 -26.10
CA PHE B 245 4.74 12.31 -26.70
C PHE B 245 6.14 12.49 -27.34
N GLU B 246 6.26 13.62 -28.06
CA GLU B 246 7.50 14.11 -28.69
C GLU B 246 8.75 14.17 -27.80
N ASP B 247 8.51 14.43 -26.53
CA ASP B 247 9.54 14.60 -25.51
C ASP B 247 10.22 13.35 -24.96
N PHE B 248 9.78 12.13 -25.28
CA PHE B 248 10.36 10.93 -24.67
C PHE B 248 11.05 9.97 -25.62
N GLU B 249 12.27 9.56 -25.30
CA GLU B 249 13.06 8.69 -26.17
C GLU B 249 13.80 7.55 -25.48
N ILE B 250 13.64 6.27 -25.84
CA ILE B 250 14.43 5.20 -25.21
C ILE B 250 15.65 4.60 -25.96
N GLU B 251 16.88 5.02 -25.64
CA GLU B 251 18.03 4.40 -26.31
C GLU B 251 18.44 3.06 -25.71
N GLY B 252 18.70 2.05 -26.53
CA GLY B 252 19.18 0.76 -26.05
C GLY B 252 18.11 -0.33 -25.92
N TYR B 253 16.89 -0.02 -26.36
CA TYR B 253 15.84 -1.01 -26.27
C TYR B 253 15.92 -2.01 -27.42
N ASP B 254 16.47 -3.18 -27.08
CA ASP B 254 16.51 -4.29 -28.02
C ASP B 254 15.74 -5.54 -27.52
N PRO B 255 14.40 -5.55 -27.54
CA PRO B 255 13.59 -6.62 -27.01
C PRO B 255 13.44 -7.89 -27.84
N HIS B 256 12.91 -8.95 -27.22
CA HIS B 256 12.46 -10.12 -27.95
C HIS B 256 11.06 -9.81 -28.55
N PRO B 257 10.52 -10.44 -29.60
CA PRO B 257 9.20 -10.09 -30.16
C PRO B 257 7.96 -10.01 -29.24
N GLY B 258 7.07 -9.04 -29.45
CA GLY B 258 5.91 -8.74 -28.59
C GLY B 258 4.84 -9.72 -28.05
N ILE B 259 4.91 -11.05 -28.18
CA ILE B 259 3.92 -12.03 -27.69
C ILE B 259 2.41 -11.72 -27.50
N LYS B 260 1.52 -12.23 -28.36
CA LYS B 260 0.06 -12.06 -28.24
C LYS B 260 -0.64 -12.91 -27.19
N ALA B 261 -1.43 -12.28 -26.35
CA ALA B 261 -2.14 -13.02 -25.30
C ALA B 261 -3.57 -12.57 -24.96
N PRO B 262 -4.56 -13.47 -24.80
CA PRO B 262 -5.97 -13.12 -24.59
C PRO B 262 -6.30 -12.25 -23.37
N VAL B 263 -7.03 -11.13 -23.49
CA VAL B 263 -7.41 -10.33 -22.33
C VAL B 263 -8.74 -10.79 -21.69
N ALA B 264 -8.89 -10.76 -20.37
CA ALA B 264 -10.12 -11.21 -19.71
C ALA B 264 -11.18 -10.14 -19.39
N ILE B 265 -12.44 -10.38 -19.70
CA ILE B 265 -13.50 -9.42 -19.43
C ILE B 265 -14.53 -10.05 -18.48
N1 UMP C . 3.57 6.01 14.09
C2 UMP C . 3.78 4.65 14.02
N3 UMP C . 2.67 3.88 14.22
C4 UMP C . 1.38 4.34 14.45
C5 UMP C . 1.25 5.78 14.50
C6 UMP C . 2.38 6.55 14.33
O2 UMP C . 4.85 4.10 13.76
O4 UMP C . 0.42 3.56 14.49
C1' UMP C . 4.69 6.96 13.90
C2' UMP C . 5.16 7.15 12.48
C3' UMP C . 6.07 8.38 12.57
C4' UMP C . 5.15 9.24 13.43
O3' UMP C . 7.27 8.06 13.31
O4' UMP C . 4.42 8.33 14.30
C5' UMP C . 4.12 10.04 12.64
O5' UMP C . 4.80 11.19 12.01
P UMP C . 4.66 11.50 10.49
OP1 UMP C . 5.53 12.59 10.11
OP2 UMP C . 5.08 10.36 9.68
OP3 UMP C . 3.31 11.92 10.21
C1 F89 D . 4.48 6.31 17.66
O1A F89 D . 4.75 5.15 17.98
N2 F89 D . 5.53 7.10 17.31
C3 F89 D . 5.42 8.43 17.19
C3M F89 D . 6.62 9.27 16.89
N4 F89 D . 4.23 9.01 17.35
C4A F89 D . 3.13 8.31 17.66
C5 F89 D . 1.93 9.00 17.91
C6 F89 D . 0.73 8.34 17.80
C6A F89 D . 0.73 6.95 18.04
C7 F89 D . -0.48 6.34 18.40
C8 F89 D . -0.54 4.95 18.56
C9 F89 D . 0.63 4.18 18.33
C10 F89 D . 1.85 4.80 18.01
C1B F89 D . 1.93 6.20 17.93
C1A F89 D . 3.17 6.90 17.76
C11 F89 D . 0.57 2.70 18.42
N12 F89 D . -0.36 2.21 19.43
C13 F89 D . -0.04 2.17 20.84
C14 F89 D . 1.26 2.49 21.29
C15 F89 D . 1.52 2.40 22.66
C16 F89 D . 0.56 2.02 23.57
C17 F89 D . -0.75 1.74 23.13
C18 F89 D . -1.05 1.81 21.76
C19 F89 D . 2.76 2.67 23.38
C F89 D . 1.15 1.94 24.89
O F89 D . 0.62 1.44 25.91
N F89 D . 2.42 2.37 24.76
CA F89 D . 3.21 3.28 25.63
CT F89 D . 4.66 2.75 25.74
O1 F89 D . 5.56 3.36 25.17
O2 F89 D . 4.89 1.68 26.35
CB F89 D . 2.57 3.39 27.03
CG F89 D . 2.29 4.81 27.52
CD F89 D . 2.07 4.92 29.03
OE1 F89 D . 0.91 4.86 29.47
OE2 F89 D . 3.02 5.13 29.78
N1 UMP E . -5.31 -4.82 -14.14
C2 UMP E . -3.93 -4.72 -14.01
N3 UMP E . -3.41 -3.45 -14.17
C4 UMP E . -4.15 -2.32 -14.45
C5 UMP E . -5.59 -2.53 -14.57
C6 UMP E . -6.10 -3.80 -14.41
O2 UMP E . -3.23 -5.63 -13.61
O4 UMP E . -3.62 -1.22 -14.46
C1' UMP E . -5.95 -6.13 -13.98
C2' UMP E . -6.09 -6.59 -12.54
C3' UMP E . -7.00 -7.80 -12.67
C4' UMP E . -8.06 -7.15 -13.59
O3' UMP E . -6.25 -8.82 -13.35
O4' UMP E . -7.33 -6.26 -14.50
C5' UMP E . -9.07 -6.29 -12.81
O5' UMP E . -9.98 -7.19 -12.07
P UMP E . -10.42 -6.91 -10.61
OP1 UMP E . -9.19 -6.97 -9.82
OP2 UMP E . -11.01 -5.59 -10.47
OP3 UMP E . -11.36 -7.93 -10.15
C1 F89 F . -5.10 -5.70 -17.57
O1A F89 F . -3.89 -5.60 -17.36
N2 F89 F . -5.63 -6.94 -17.58
C3 F89 F . -6.95 -7.15 -17.52
C3M F89 F . -7.50 -8.53 -17.47
N4 F89 F . -7.79 -6.10 -17.50
C4A F89 F . -7.33 -4.84 -17.60
C5 F89 F . -8.23 -3.78 -17.52
C6 F89 F . -7.89 -2.63 -18.24
C6A F89 F . -6.56 -2.24 -18.20
C7 F89 F . -6.23 -0.89 -18.32
C8 F89 F . -4.90 -0.49 -18.32
C9 F89 F . -3.87 -1.45 -18.28
C10 F89 F . -4.20 -2.82 -18.18
C1B F89 F . -5.54 -3.24 -18.05
C1A F89 F . -5.95 -4.57 -17.75
C11 F89 F . -2.46 -1.00 -18.37
N12 F89 F . -2.25 -0.01 -19.43
C13 F89 F . -2.01 -0.40 -20.81
C14 F89 F . -2.53 -1.61 -21.30
C15 F89 F . -2.25 -1.99 -22.62
C16 F89 F . -1.49 -1.17 -23.46
C17 F89 F . -0.99 0.05 -23.00
C18 F89 F . -1.25 0.43 -21.67
C19 F89 F . -2.60 -3.17 -23.38
C F89 F . -1.35 -1.84 -24.75
O F89 F . -0.72 -1.41 -25.74
N F89 F . -2.00 -3.03 -24.68
CA F89 F . -2.41 -3.89 -25.78
CT F89 F . -1.21 -4.67 -26.36
O1 F89 F . -1.09 -4.87 -27.57
O2 F89 F . -0.38 -5.14 -25.58
CB F89 F . -3.12 -3.03 -26.85
CG F89 F . -4.44 -2.39 -26.40
CD F89 F . -5.65 -3.29 -26.26
OE1 F89 F . -5.60 -4.34 -25.60
OE2 F89 F . -6.71 -2.92 -26.75
#